data_4LKS
#
_entry.id   4LKS
#
_cell.length_a   62.338
_cell.length_b   62.325
_cell.length_c   85.350
_cell.angle_alpha   90.000
_cell.angle_beta   90.000
_cell.angle_gamma   90.000
#
_symmetry.space_group_name_H-M   'P 21 21 21'
#
loop_
_entity.id
_entity.type
_entity.pdbx_description
1 polymer 'Glycosyl hydrolase, family 31/fibronectin type III domain protein'
2 non-polymer 'CALCIUM ION'
3 non-polymer beta-D-galactopyranose
4 water water
#
_entity_poly.entity_id   1
_entity_poly.type   'polypeptide(L)'
_entity_poly.pdbx_seq_one_letter_code
;MHHHHHHITSLYKKAGSEFALDSSKLEAIYATSEADRDYKENAVDGDENTIWHSAYQAADKLPVSITIKLDKAYDLNQID
YLPRQNSRNGHVTEYKIETSLDNENWTEVRTGNLEVNEAGNALANRGYNPIRFNTINAQYLRFTALKTLGDTNNKYASAA
ELVFYGK
;
_entity_poly.pdbx_strand_id   A,C
#
loop_
_chem_comp.id
_chem_comp.type
_chem_comp.name
_chem_comp.formula
CA non-polymer 'CALCIUM ION' 'Ca 2'
GAL D-saccharide, beta linking beta-D-galactopyranose 'C6 H12 O6'
#
# COMPACT_ATOMS: atom_id res chain seq x y z
N LEU A 11 9.35 -13.50 13.62
CA LEU A 11 9.08 -12.51 12.58
C LEU A 11 9.23 -11.08 13.09
N TYR A 12 9.18 -10.90 14.41
CA TYR A 12 9.11 -9.58 15.00
C TYR A 12 10.43 -9.06 15.56
N LYS A 13 10.63 -7.76 15.40
CA LYS A 13 11.71 -7.06 16.09
C LYS A 13 11.27 -6.67 17.50
N LYS A 14 12.23 -6.55 18.41
CA LYS A 14 11.95 -6.06 19.76
C LYS A 14 12.53 -4.67 19.97
N ALA A 15 12.25 -4.09 21.13
CA ALA A 15 12.58 -2.70 21.43
C ALA A 15 14.03 -2.35 21.16
N GLY A 16 14.91 -3.34 21.37
CA GLY A 16 16.34 -3.11 21.25
C GLY A 16 16.89 -3.20 19.83
N SER A 17 16.02 -3.49 18.87
CA SER A 17 16.45 -3.56 17.46
C SER A 17 17.08 -2.25 17.02
N GLU A 18 18.12 -2.36 16.18
CA GLU A 18 18.73 -1.18 15.60
C GLU A 18 17.75 -0.39 14.73
N PHE A 19 16.66 -1.05 14.33
CA PHE A 19 15.62 -0.42 13.50
C PHE A 19 14.57 0.34 14.32
N ALA A 20 14.54 0.14 15.63
CA ALA A 20 13.61 0.91 16.46
C ALA A 20 13.96 2.39 16.41
N LEU A 21 12.97 3.22 16.09
CA LEU A 21 13.16 4.66 16.00
C LEU A 21 12.96 5.27 17.39
N ASP A 22 13.80 6.26 17.73
CA ASP A 22 13.61 6.98 18.97
C ASP A 22 12.33 7.81 18.91
N SER A 23 11.63 7.90 20.04
CA SER A 23 10.37 8.64 20.08
C SER A 23 10.53 10.10 19.68
N SER A 24 11.74 10.66 19.81
CA SER A 24 11.97 12.04 19.38
C SER A 24 11.75 12.25 17.88
N LYS A 25 11.77 11.16 17.11
CA LYS A 25 11.55 11.22 15.68
C LYS A 25 10.07 11.25 15.31
N LEU A 26 9.19 11.22 16.31
CA LEU A 26 7.75 11.07 16.13
C LEU A 26 6.98 12.28 16.63
N GLU A 27 5.92 12.64 15.93
CA GLU A 27 5.03 13.72 16.34
C GLU A 27 3.58 13.35 16.05
N ALA A 28 2.74 13.31 17.08
CA ALA A 28 1.31 13.10 16.87
C ALA A 28 0.71 14.40 16.34
N ILE A 29 0.20 14.38 15.13
CA ILE A 29 -0.29 15.61 14.52
C ILE A 29 -1.80 15.71 14.46
N TYR A 30 -2.50 14.59 14.68
CA TYR A 30 -3.95 14.60 14.64
C TYR A 30 -4.52 13.39 15.38
N ALA A 31 -5.67 13.57 16.00
CA ALA A 31 -6.47 12.45 16.47
C ALA A 31 -7.94 12.84 16.38
N THR A 32 -8.80 11.83 16.22
CA THR A 32 -10.23 12.08 16.07
C THR A 32 -10.76 12.88 17.25
N SER A 33 -10.32 12.50 18.44
CA SER A 33 -10.71 13.18 19.66
C SER A 33 -9.71 12.86 20.76
N GLU A 34 -9.78 13.62 21.84
CA GLU A 34 -8.91 13.46 22.99
C GLU A 34 -9.73 13.73 24.24
N ALA A 35 -9.51 12.94 25.29
CA ALA A 35 -10.22 13.13 26.55
C ALA A 35 -9.28 13.61 27.63
N ASP A 36 -9.80 14.42 28.55
CA ASP A 36 -9.09 14.76 29.76
C ASP A 36 -7.72 15.37 29.43
N ARG A 37 -6.64 14.87 30.04
CA ARG A 37 -5.30 15.32 29.66
C ARG A 37 -4.55 14.23 28.89
N ASP A 38 -5.33 13.32 28.32
CA ASP A 38 -4.77 12.18 27.58
C ASP A 38 -4.60 12.53 26.11
N TYR A 39 -3.68 13.47 25.87
CA TYR A 39 -3.51 14.08 24.56
C TYR A 39 -2.84 13.14 23.57
N LYS A 40 -3.05 13.42 22.28
CA LYS A 40 -2.46 12.62 21.21
C LYS A 40 -0.94 12.48 21.32
N GLU A 41 -0.26 13.52 21.80
CA GLU A 41 1.21 13.49 21.87
C GLU A 41 1.70 12.41 22.83
N ASN A 42 0.84 12.07 23.79
CA ASN A 42 1.17 11.04 24.78
C ASN A 42 1.33 9.67 24.15
N ALA A 43 0.86 9.50 22.91
CA ALA A 43 0.97 8.19 22.29
C ALA A 43 2.37 7.95 21.77
N VAL A 44 3.17 9.00 21.62
CA VAL A 44 4.49 8.78 21.00
C VAL A 44 5.59 9.51 21.75
N ASP A 45 5.43 9.60 23.07
CA ASP A 45 6.40 10.30 23.89
C ASP A 45 7.42 9.39 24.59
N GLY A 46 7.43 8.12 24.22
CA GLY A 46 8.35 7.16 24.82
C GLY A 46 8.07 6.83 26.28
N ASP A 47 6.90 7.24 26.76
CA ASP A 47 6.54 7.12 28.18
C ASP A 47 5.38 6.16 28.36
N GLU A 48 5.62 5.06 29.08
CA GLU A 48 4.58 4.04 29.28
C GLU A 48 3.45 4.51 30.19
N ASN A 49 3.68 5.59 30.94
CA ASN A 49 2.72 6.06 31.92
C ASN A 49 1.72 7.10 31.42
N THR A 50 1.95 7.59 30.21
CA THR A 50 1.06 8.58 29.63
C THR A 50 0.30 7.93 28.48
N ILE A 51 -0.93 8.37 28.25
CA ILE A 51 -1.72 7.79 27.19
C ILE A 51 -2.45 8.83 26.36
N TRP A 52 -2.66 8.51 25.09
CA TRP A 52 -3.73 9.16 24.33
C TRP A 52 -5.00 8.38 24.62
N HIS A 53 -6.11 9.08 24.83
CA HIS A 53 -7.42 8.46 25.03
C HIS A 53 -8.44 9.28 24.26
N SER A 54 -9.27 8.60 23.47
CA SER A 54 -10.28 9.32 22.69
C SER A 54 -11.45 9.69 23.61
N ALA A 55 -12.33 10.54 23.11
CA ALA A 55 -13.46 11.03 23.91
C ALA A 55 -14.41 9.89 24.28
N TYR A 56 -15.05 10.00 25.45
CA TYR A 56 -15.87 8.90 25.96
C TYR A 56 -17.23 9.35 26.49
N GLN A 57 -17.73 10.45 25.95
CA GLN A 57 -19.10 10.85 26.25
C GLN A 57 -20.08 9.90 25.58
N ALA A 58 -21.34 9.92 26.02
CA ALA A 58 -22.32 8.93 25.58
C ALA A 58 -22.44 8.82 24.06
N ALA A 59 -22.29 9.95 23.37
CA ALA A 59 -22.43 9.98 21.92
C ALA A 59 -21.18 9.55 21.16
N ASP A 60 -20.05 9.50 21.85
CA ASP A 60 -18.79 9.14 21.19
C ASP A 60 -18.73 7.65 20.87
N LYS A 61 -18.14 7.34 19.72
CA LYS A 61 -18.04 5.96 19.25
C LYS A 61 -16.86 5.74 18.30
N LEU A 62 -16.64 4.48 17.95
CA LEU A 62 -15.58 4.09 17.03
C LEU A 62 -16.13 4.20 15.60
N PRO A 63 -15.23 4.26 14.60
CA PRO A 63 -13.76 4.26 14.71
C PRO A 63 -13.17 5.59 15.13
N VAL A 64 -11.98 5.54 15.72
CA VAL A 64 -11.19 6.73 15.96
C VAL A 64 -9.78 6.45 15.48
N SER A 65 -9.04 7.50 15.16
CA SER A 65 -7.72 7.39 14.56
CA SER A 65 -7.70 7.31 14.65
C SER A 65 -6.74 8.36 15.19
N ILE A 66 -5.47 8.05 15.07
CA ILE A 66 -4.40 8.95 15.45
C ILE A 66 -3.37 8.94 14.32
N THR A 67 -2.86 10.10 13.95
CA THR A 67 -1.86 10.19 12.90
C THR A 67 -0.52 10.65 13.48
N ILE A 68 0.51 9.85 13.22
CA ILE A 68 1.87 10.14 13.62
C ILE A 68 2.70 10.58 12.42
N LYS A 69 3.37 11.71 12.57
CA LYS A 69 4.30 12.23 11.58
C LYS A 69 5.72 11.91 12.02
N LEU A 70 6.53 11.40 11.10
CA LEU A 70 7.94 11.10 11.39
C LEU A 70 8.80 12.26 10.88
N ASP A 71 10.01 12.38 11.39
CA ASP A 71 10.81 13.58 11.06
C ASP A 71 11.24 13.61 9.59
N LYS A 72 11.26 12.44 8.95
CA LYS A 72 11.51 12.30 7.53
C LYS A 72 10.80 11.02 7.13
N ALA A 73 10.81 10.69 5.85
CA ALA A 73 10.27 9.41 5.40
C ALA A 73 11.19 8.27 5.84
N TYR A 74 10.59 7.17 6.29
CA TYR A 74 11.33 5.96 6.64
C TYR A 74 10.73 4.77 5.91
N ASP A 75 11.57 3.79 5.61
CA ASP A 75 11.09 2.49 5.16
C ASP A 75 10.64 1.74 6.40
N LEU A 76 9.32 1.72 6.64
CA LEU A 76 8.77 1.13 7.86
C LEU A 76 8.31 -0.30 7.64
N ASN A 77 8.53 -1.18 8.63
CA ASN A 77 7.93 -2.52 8.51
C ASN A 77 7.38 -3.13 9.79
N GLN A 78 7.32 -2.34 10.85
CA GLN A 78 6.69 -2.81 12.07
C GLN A 78 6.30 -1.62 12.93
N ILE A 79 5.20 -1.75 13.67
CA ILE A 79 4.97 -0.88 14.83
C ILE A 79 4.61 -1.76 16.00
N ASP A 80 4.89 -1.31 17.22
CA ASP A 80 4.38 -1.96 18.42
C ASP A 80 3.30 -1.08 19.04
N TYR A 81 2.22 -1.72 19.46
CA TYR A 81 1.17 -1.04 20.21
C TYR A 81 1.32 -1.40 21.69
N LEU A 82 1.47 -0.39 22.55
CA LEU A 82 1.53 -0.62 23.99
C LEU A 82 0.22 -0.17 24.61
N PRO A 83 -0.55 -1.11 25.15
CA PRO A 83 -1.81 -0.69 25.78
C PRO A 83 -1.56 0.03 27.11
N ARG A 84 -2.57 0.79 27.50
CA ARG A 84 -2.64 1.41 28.81
C ARG A 84 -2.27 0.43 29.90
N GLN A 85 -1.41 0.86 30.82
CA GLN A 85 -0.84 -0.04 31.81
C GLN A 85 -1.66 -0.19 33.09
N ASN A 86 -2.45 0.82 33.42
CA ASN A 86 -3.19 0.82 34.69
C ASN A 86 -4.68 0.50 34.55
N SER A 87 -5.13 0.33 33.32
CA SER A 87 -6.55 0.15 33.04
C SER A 87 -6.73 -0.45 31.66
N ARG A 88 -7.80 -1.24 31.50
CA ARG A 88 -8.11 -1.82 30.20
C ARG A 88 -8.89 -0.86 29.33
N ASN A 89 -9.26 0.29 29.89
CA ASN A 89 -10.11 1.22 29.16
C ASN A 89 -9.44 1.77 27.90
N GLY A 90 -9.97 1.33 26.77
CA GLY A 90 -9.49 1.75 25.47
C GLY A 90 -8.53 0.79 24.80
N HIS A 91 -8.27 -0.37 25.42
CA HIS A 91 -7.41 -1.39 24.79
C HIS A 91 -7.91 -1.71 23.39
N VAL A 92 -7.03 -1.55 22.39
CA VAL A 92 -7.43 -1.75 21.01
C VAL A 92 -7.33 -3.23 20.63
N THR A 93 -8.41 -3.78 20.09
CA THR A 93 -8.41 -5.21 19.72
C THR A 93 -8.50 -5.46 18.20
N GLU A 94 -8.95 -4.46 17.45
CA GLU A 94 -8.94 -4.53 15.99
C GLU A 94 -8.50 -3.16 15.48
N TYR A 95 -7.59 -3.16 14.51
CA TYR A 95 -6.97 -1.93 14.03
C TYR A 95 -6.83 -1.91 12.51
N LYS A 96 -6.56 -0.72 11.99
CA LYS A 96 -6.16 -0.53 10.61
C LYS A 96 -4.94 0.38 10.61
N ILE A 97 -4.03 0.10 9.67
CA ILE A 97 -2.83 0.89 9.45
CA ILE A 97 -2.85 0.93 9.47
C ILE A 97 -2.87 1.48 8.04
N GLU A 98 -2.68 2.79 7.94
CA GLU A 98 -2.53 3.45 6.64
C GLU A 98 -1.25 4.27 6.70
N THR A 99 -0.59 4.47 5.57
CA THR A 99 0.58 5.33 5.56
C THR A 99 0.50 6.31 4.40
N SER A 100 1.28 7.38 4.50
CA SER A 100 1.36 8.32 3.39
C SER A 100 2.66 9.09 3.41
N LEU A 101 2.96 9.74 2.28
CA LEU A 101 4.11 10.63 2.21
C LEU A 101 3.71 12.07 2.46
N ASP A 102 2.41 12.36 2.44
CA ASP A 102 1.95 13.76 2.43
C ASP A 102 0.77 14.08 3.35
N ASN A 103 0.35 13.13 4.18
CA ASN A 103 -0.81 13.30 5.06
C ASN A 103 -2.11 13.57 4.28
N GLU A 104 -2.14 13.20 3.01
CA GLU A 104 -3.33 13.42 2.19
C GLU A 104 -3.71 12.20 1.37
N ASN A 105 -2.70 11.53 0.83
CA ASN A 105 -2.95 10.39 -0.05
C ASN A 105 -2.42 9.09 0.53
N TRP A 106 -3.34 8.33 1.11
CA TRP A 106 -3.02 7.19 1.93
C TRP A 106 -3.02 5.85 1.20
N THR A 107 -2.12 4.99 1.62
CA THR A 107 -2.09 3.61 1.21
C THR A 107 -2.57 2.79 2.39
N GLU A 108 -3.56 1.93 2.17
CA GLU A 108 -4.00 1.00 3.19
C GLU A 108 -2.95 -0.10 3.28
N VAL A 109 -2.34 -0.22 4.45
CA VAL A 109 -1.25 -1.18 4.62
C VAL A 109 -1.78 -2.53 5.09
N ARG A 110 -2.59 -2.53 6.15
CA ARG A 110 -3.16 -3.76 6.68
C ARG A 110 -4.20 -3.48 7.73
N THR A 111 -4.99 -4.51 8.03
CA THR A 111 -5.80 -4.53 9.24
C THR A 111 -5.36 -5.72 10.08
N GLY A 112 -5.89 -5.82 11.29
CA GLY A 112 -5.58 -6.98 12.11
C GLY A 112 -6.25 -6.92 13.46
N ASN A 113 -5.99 -7.94 14.27
CA ASN A 113 -6.56 -8.03 15.58
C ASN A 113 -5.47 -8.34 16.60
N LEU A 114 -5.74 -7.97 17.85
CA LEU A 114 -4.85 -8.26 18.96
C LEU A 114 -5.57 -9.15 19.94
N GLU A 115 -4.87 -10.14 20.47
CA GLU A 115 -5.46 -11.16 21.31
C GLU A 115 -5.96 -10.60 22.63
N VAL A 116 -7.16 -11.04 23.04
CA VAL A 116 -7.77 -10.62 24.28
C VAL A 116 -7.59 -11.70 25.35
N ASN A 117 -7.50 -11.30 26.61
CA ASN A 117 -7.40 -12.28 27.69
C ASN A 117 -8.65 -13.16 27.84
N GLU A 118 -8.55 -14.17 28.70
CA GLU A 118 -9.61 -15.13 28.90
C GLU A 118 -10.93 -14.47 29.30
N ALA A 119 -10.84 -13.56 30.27
CA ALA A 119 -12.03 -12.90 30.79
C ALA A 119 -12.63 -11.91 29.81
N GLY A 120 -11.87 -11.59 28.76
CA GLY A 120 -12.36 -10.70 27.72
C GLY A 120 -12.36 -9.25 28.13
N ASN A 121 -11.59 -8.91 29.16
CA ASN A 121 -11.58 -7.55 29.65
C ASN A 121 -10.31 -6.75 29.38
N ALA A 122 -9.23 -7.41 28.97
CA ALA A 122 -7.99 -6.70 28.64
C ALA A 122 -7.24 -7.48 27.57
N LEU A 123 -6.25 -6.85 26.94
CA LEU A 123 -5.41 -7.57 26.00
C LEU A 123 -4.64 -8.69 26.72
N ALA A 124 -4.43 -9.79 26.01
CA ALA A 124 -3.68 -10.92 26.55
C ALA A 124 -2.24 -10.51 26.84
N ASN A 125 -1.66 -9.74 25.91
CA ASN A 125 -0.32 -9.21 26.08
C ASN A 125 -0.45 -7.79 26.58
N ARG A 126 -0.11 -7.58 27.86
CA ARG A 126 -0.20 -6.25 28.46
C ARG A 126 1.01 -5.40 28.15
N GLY A 127 1.99 -5.99 27.47
CA GLY A 127 3.17 -5.25 27.05
C GLY A 127 3.10 -4.85 25.58
N TYR A 128 4.26 -4.76 24.93
CA TYR A 128 4.30 -4.32 23.54
C TYR A 128 3.73 -5.40 22.62
N ASN A 129 2.72 -5.03 21.85
CA ASN A 129 2.09 -5.92 20.88
C ASN A 129 2.63 -5.59 19.49
N PRO A 130 3.48 -6.46 18.93
CA PRO A 130 4.06 -6.15 17.60
C PRO A 130 3.07 -6.36 16.45
N ILE A 131 3.15 -5.46 15.49
CA ILE A 131 2.36 -5.49 14.26
C ILE A 131 3.31 -5.31 13.09
N ARG A 132 3.50 -6.37 12.30
CA ARG A 132 4.41 -6.30 11.15
C ARG A 132 3.64 -6.02 9.87
N PHE A 133 4.35 -5.45 8.91
CA PHE A 133 3.76 -5.24 7.59
C PHE A 133 4.86 -5.12 6.53
N ASN A 134 4.50 -5.35 5.28
CA ASN A 134 5.46 -5.28 4.19
C ASN A 134 6.04 -3.89 4.11
N THR A 135 7.36 -3.82 3.95
CA THR A 135 8.08 -2.56 4.02
C THR A 135 7.50 -1.48 3.11
N ILE A 136 7.18 -0.34 3.72
CA ILE A 136 6.58 0.77 2.98
C ILE A 136 7.20 2.08 3.44
N ASN A 137 7.61 2.91 2.47
CA ASN A 137 8.22 4.19 2.76
C ASN A 137 7.12 5.19 3.15
N ALA A 138 7.27 5.83 4.30
CA ALA A 138 6.20 6.66 4.85
C ALA A 138 6.74 7.73 5.76
N GLN A 139 6.11 8.90 5.72
CA GLN A 139 6.40 9.93 6.72
C GLN A 139 5.20 10.13 7.67
N TYR A 140 4.06 9.54 7.31
CA TYR A 140 2.87 9.61 8.16
C TYR A 140 2.27 8.23 8.29
N LEU A 141 1.81 7.90 9.50
CA LEU A 141 1.10 6.66 9.72
C LEU A 141 -0.17 6.97 10.48
N ARG A 142 -1.30 6.53 9.95
CA ARG A 142 -2.59 6.66 10.61
C ARG A 142 -3.01 5.31 11.18
N PHE A 143 -3.19 5.29 12.50
CA PHE A 143 -3.56 4.08 13.24
C PHE A 143 -5.01 4.24 13.68
N THR A 144 -5.87 3.33 13.21
CA THR A 144 -7.30 3.41 13.47
C THR A 144 -7.73 2.28 14.37
N ALA A 145 -8.47 2.62 15.42
CA ALA A 145 -9.03 1.65 16.33
C ALA A 145 -10.44 1.30 15.84
N LEU A 146 -10.66 0.03 15.53
CA LEU A 146 -11.93 -0.44 14.98
C LEU A 146 -12.78 -1.14 16.02
N LYS A 147 -12.13 -1.80 16.98
CA LYS A 147 -12.79 -2.44 18.11
C LYS A 147 -11.89 -2.22 19.32
N THR A 148 -12.50 -2.01 20.48
CA THR A 148 -11.75 -1.75 21.70
C THR A 148 -12.46 -2.35 22.91
N LEU A 149 -11.73 -2.42 24.03
CA LEU A 149 -12.28 -2.87 25.31
C LEU A 149 -12.45 -1.69 26.25
N GLY A 150 -13.28 -1.87 27.27
CA GLY A 150 -13.47 -0.81 28.24
C GLY A 150 -14.69 -1.10 29.10
N ASP A 151 -14.94 -0.24 30.08
CA ASP A 151 -16.16 -0.36 30.89
C ASP A 151 -17.36 -0.42 29.98
N THR A 152 -17.28 0.32 28.88
CA THR A 152 -18.13 0.07 27.72
C THR A 152 -17.19 -0.33 26.60
N ASN A 153 -17.47 -1.46 25.95
CA ASN A 153 -16.65 -1.91 24.83
C ASN A 153 -16.96 -1.15 23.54
N ASN A 154 -15.98 -1.08 22.65
CA ASN A 154 -16.18 -0.53 21.31
C ASN A 154 -16.68 0.91 21.25
N LYS A 155 -16.18 1.76 22.15
CA LYS A 155 -16.58 3.16 22.15
C LYS A 155 -15.41 4.12 22.13
N TYR A 156 -14.33 3.78 22.84
CA TYR A 156 -13.17 4.66 22.94
C TYR A 156 -11.88 3.85 22.86
N ALA A 157 -10.80 4.52 22.45
CA ALA A 157 -9.50 3.87 22.30
C ALA A 157 -8.47 4.59 23.14
N SER A 158 -7.45 3.87 23.55
CA SER A 158 -6.30 4.49 24.20
C SER A 158 -5.03 3.83 23.72
N ALA A 159 -3.90 4.48 23.95
CA ALA A 159 -2.61 3.92 23.59
C ALA A 159 -1.60 4.58 24.48
N ALA A 160 -0.75 3.78 25.13
CA ALA A 160 0.36 4.32 25.92
C ALA A 160 1.55 4.64 25.02
N GLU A 161 1.85 3.76 24.06
CA GLU A 161 2.91 4.02 23.08
C GLU A 161 2.60 3.36 21.76
N LEU A 162 3.09 4.02 20.72
CA LEU A 162 3.28 3.41 19.41
C LEU A 162 4.78 3.50 19.13
N VAL A 163 5.40 2.35 18.89
CA VAL A 163 6.83 2.27 18.63
C VAL A 163 7.03 1.95 17.15
N PHE A 164 7.92 2.65 16.48
CA PHE A 164 8.10 2.50 15.04
C PHE A 164 9.43 1.86 14.71
N TYR A 165 9.42 1.00 13.70
CA TYR A 165 10.63 0.35 13.21
C TYR A 165 10.84 0.59 11.72
N GLY A 166 12.00 1.13 11.37
CA GLY A 166 12.34 1.33 9.99
C GLY A 166 13.68 1.99 9.82
N LYS A 167 14.01 2.34 8.58
CA LYS A 167 15.28 3.01 8.32
C LYS A 167 15.12 4.09 7.27
N LEU B 11 -7.93 14.36 -13.59
CA LEU B 11 -7.18 13.64 -12.58
C LEU B 11 -5.86 13.10 -13.13
N TYR B 12 -5.77 12.97 -14.46
CA TYR B 12 -4.66 12.27 -15.08
C TYR B 12 -3.60 13.19 -15.68
N LYS B 13 -2.35 12.76 -15.55
CA LYS B 13 -1.24 13.37 -16.29
C LYS B 13 -1.16 12.79 -17.69
N LYS B 14 -0.62 13.56 -18.64
CA LYS B 14 -0.35 13.03 -19.97
C LYS B 14 1.15 12.92 -20.21
N ALA B 15 1.52 12.38 -21.37
CA ALA B 15 2.89 12.02 -21.68
C ALA B 15 3.88 13.16 -21.49
N GLY B 16 3.41 14.38 -21.71
CA GLY B 16 4.26 15.55 -21.63
C GLY B 16 4.49 16.09 -20.24
N SER B 17 3.86 15.47 -19.23
CA SER B 17 4.03 15.92 -17.85
C SER B 17 5.49 15.87 -17.44
N GLU B 18 5.92 16.85 -16.64
CA GLU B 18 7.26 16.86 -16.07
C GLU B 18 7.52 15.64 -15.20
N PHE B 19 6.44 15.00 -14.75
CA PHE B 19 6.54 13.79 -13.93
C PHE B 19 6.68 12.50 -14.74
N ALA B 20 6.46 12.53 -16.04
CA ALA B 20 6.70 11.33 -16.84
C ALA B 20 8.18 10.95 -16.83
N LEU B 21 8.46 9.69 -16.48
CA LEU B 21 9.83 9.19 -16.43
C LEU B 21 10.24 8.71 -17.82
N ASP B 22 11.48 8.99 -18.20
CA ASP B 22 11.99 8.47 -19.46
C ASP B 22 12.11 6.95 -19.39
N SER B 23 11.86 6.27 -20.50
CA SER B 23 11.92 4.81 -20.51
C SER B 23 13.30 4.27 -20.14
N SER B 24 14.35 5.07 -20.32
CA SER B 24 15.69 4.64 -19.92
C SER B 24 15.81 4.37 -18.42
N LYS B 25 14.87 4.89 -17.64
CA LYS B 25 14.86 4.70 -16.20
C LYS B 25 14.20 3.38 -15.78
N LEU B 26 13.73 2.61 -16.76
CA LEU B 26 12.94 1.40 -16.52
C LEU B 26 13.64 0.16 -17.04
N GLU B 27 13.50 -0.94 -16.30
CA GLU B 27 14.03 -2.24 -16.72
C GLU B 27 13.02 -3.34 -16.38
N ALA B 28 12.56 -4.08 -17.39
CA ALA B 28 11.71 -5.25 -17.13
C ALA B 28 12.59 -6.37 -16.61
N ILE B 29 12.38 -6.78 -15.37
CA ILE B 29 13.27 -7.78 -14.77
C ILE B 29 12.65 -9.16 -14.67
N TYR B 30 11.33 -9.25 -14.84
CA TYR B 30 10.64 -10.54 -14.76
C TYR B 30 9.29 -10.50 -15.46
N ALA B 31 8.90 -11.61 -16.07
CA ALA B 31 7.53 -11.80 -16.52
C ALA B 31 7.19 -13.28 -16.38
N THR B 32 5.91 -13.56 -16.19
CA THR B 32 5.48 -14.95 -15.98
C THR B 32 5.89 -15.81 -17.17
N SER B 33 5.73 -15.27 -18.36
CA SER B 33 6.11 -15.96 -19.58
C SER B 33 6.28 -14.94 -20.70
N GLU B 34 6.91 -15.38 -21.79
CA GLU B 34 7.11 -14.53 -22.96
C GLU B 34 6.91 -15.41 -24.19
N ALA B 35 6.29 -14.86 -25.22
CA ALA B 35 6.09 -15.60 -26.47
C ALA B 35 6.92 -15.01 -27.58
N ASP B 36 7.35 -15.86 -28.51
CA ASP B 36 7.97 -15.41 -29.74
C ASP B 36 9.15 -14.48 -29.47
N ARG B 37 9.20 -13.31 -30.09
CA ARG B 37 10.24 -12.33 -29.75
C ARG B 37 9.65 -11.15 -28.98
N ASP B 38 8.49 -11.38 -28.39
CA ASP B 38 7.79 -10.35 -27.63
C ASP B 38 8.21 -10.35 -26.18
N TYR B 39 9.47 -9.97 -25.97
CA TYR B 39 10.13 -10.06 -24.69
C TYR B 39 9.64 -9.01 -23.70
N LYS B 40 9.81 -9.32 -22.41
CA LYS B 40 9.41 -8.42 -21.34
C LYS B 40 9.98 -7.00 -21.51
N GLU B 41 11.22 -6.89 -21.99
CA GLU B 41 11.88 -5.58 -22.12
C GLU B 41 11.10 -4.67 -23.08
N ASN B 42 10.39 -5.29 -24.01
CA ASN B 42 9.60 -4.53 -24.98
C ASN B 42 8.49 -3.73 -24.33
N ALA B 43 8.15 -4.05 -23.09
CA ALA B 43 7.07 -3.34 -22.43
C ALA B 43 7.53 -1.98 -21.96
N VAL B 44 8.84 -1.77 -21.84
CA VAL B 44 9.27 -0.49 -21.27
C VAL B 44 10.40 0.14 -22.06
N ASP B 45 10.36 -0.06 -23.38
CA ASP B 45 11.44 0.45 -24.23
C ASP B 45 11.09 1.76 -24.94
N GLY B 46 9.96 2.36 -24.58
CA GLY B 46 9.55 3.63 -25.15
C GLY B 46 9.06 3.52 -26.59
N ASP B 47 8.87 2.29 -27.05
CA ASP B 47 8.56 2.01 -28.46
C ASP B 47 7.15 1.41 -28.60
N GLU B 48 6.27 2.12 -29.31
CA GLU B 48 4.88 1.68 -29.47
C GLU B 48 4.76 0.44 -30.35
N ASN B 49 5.81 0.12 -31.11
CA ASN B 49 5.74 -0.97 -32.08
C ASN B 49 6.22 -2.32 -31.55
N THR B 50 6.81 -2.32 -30.36
CA THR B 50 7.27 -3.58 -29.79
C THR B 50 6.37 -3.92 -28.61
N ILE B 51 6.18 -5.21 -28.36
CA ILE B 51 5.33 -5.60 -27.25
C ILE B 51 5.94 -6.72 -26.42
N TRP B 52 5.58 -6.74 -25.14
CA TRP B 52 5.68 -7.97 -24.37
C TRP B 52 4.39 -8.75 -24.63
N HIS B 53 4.51 -10.06 -24.83
CA HIS B 53 3.33 -10.92 -24.97
C HIS B 53 3.60 -12.19 -24.16
N SER B 54 2.63 -12.59 -23.34
CA SER B 54 2.78 -13.81 -22.56
C SER B 54 2.55 -15.05 -23.43
N ALA B 55 2.93 -16.22 -22.91
CA ALA B 55 2.80 -17.46 -23.69
C ALA B 55 1.35 -17.77 -24.03
N TYR B 56 1.12 -18.42 -25.17
CA TYR B 56 -0.26 -18.62 -25.64
C TYR B 56 -0.53 -20.02 -26.16
N GLN B 57 0.22 -20.99 -25.63
CA GLN B 57 -0.08 -22.39 -25.91
C GLN B 57 -1.36 -22.81 -25.20
N ALA B 58 -1.94 -23.94 -25.62
CA ALA B 58 -3.24 -24.37 -25.11
C ALA B 58 -3.33 -24.37 -23.58
N ALA B 59 -2.24 -24.72 -22.93
CA ALA B 59 -2.22 -24.86 -21.48
C ALA B 59 -2.02 -23.53 -20.74
N ASP B 60 -1.53 -22.51 -21.43
CA ASP B 60 -1.24 -21.23 -20.78
C ASP B 60 -2.50 -20.47 -20.42
N LYS B 61 -2.49 -19.78 -19.29
CA LYS B 61 -3.66 -19.07 -18.81
C LYS B 61 -3.29 -17.91 -17.89
N LEU B 62 -4.30 -17.11 -17.54
CA LEU B 62 -4.13 -15.99 -16.64
C LEU B 62 -4.24 -16.50 -15.21
N PRO B 63 -3.72 -15.73 -14.24
CA PRO B 63 -3.06 -14.43 -14.39
C PRO B 63 -1.61 -14.53 -14.85
N VAL B 64 -1.12 -13.45 -15.46
CA VAL B 64 0.29 -13.29 -15.74
C VAL B 64 0.71 -11.91 -15.28
N SER B 65 2.00 -11.75 -15.03
CA SER B 65 2.55 -10.53 -14.44
CA SER B 65 2.48 -10.47 -14.54
C SER B 65 3.84 -10.12 -15.13
N ILE B 66 4.15 -8.84 -15.06
CA ILE B 66 5.44 -8.33 -15.47
C ILE B 66 5.93 -7.39 -14.37
N THR B 67 7.21 -7.48 -14.02
CA THR B 67 7.79 -6.61 -13.00
C THR B 67 8.79 -5.65 -13.62
N ILE B 68 8.56 -4.36 -13.38
CA ILE B 68 9.46 -3.30 -13.84
C ILE B 68 10.25 -2.76 -12.67
N LYS B 69 11.57 -2.69 -12.85
CA LYS B 69 12.49 -2.09 -11.88
C LYS B 69 12.85 -0.70 -12.37
N LEU B 70 12.81 0.28 -11.47
CA LEU B 70 13.21 1.66 -11.79
C LEU B 70 14.65 1.88 -11.32
N ASP B 71 15.32 2.88 -11.87
CA ASP B 71 16.75 3.04 -11.57
C ASP B 71 17.01 3.42 -10.11
N LYS B 72 16.00 4.01 -9.47
CA LYS B 72 16.03 4.30 -8.05
C LYS B 72 14.57 4.28 -7.60
N ALA B 73 14.32 4.48 -6.31
CA ALA B 73 12.94 4.61 -5.86
C ALA B 73 12.37 5.96 -6.29
N TYR B 74 11.11 5.93 -6.71
CA TYR B 74 10.37 7.13 -7.05
C TYR B 74 9.05 7.18 -6.30
N ASP B 75 8.58 8.37 -6.00
CA ASP B 75 7.22 8.55 -5.51
C ASP B 75 6.31 8.50 -6.74
N LEU B 76 5.66 7.35 -6.93
CA LEU B 76 4.85 7.10 -8.12
C LEU B 76 3.38 7.37 -7.87
N ASN B 77 2.68 7.94 -8.85
CA ASN B 77 1.22 8.06 -8.69
C ASN B 77 0.39 7.83 -9.94
N GLN B 78 1.03 7.36 -11.00
CA GLN B 78 0.30 7.01 -12.21
C GLN B 78 1.14 6.11 -13.08
N ILE B 79 0.49 5.17 -13.78
CA ILE B 79 1.11 4.55 -14.95
C ILE B 79 0.13 4.63 -16.09
N ASP B 80 0.63 4.64 -17.32
CA ASP B 80 -0.21 4.48 -18.50
C ASP B 80 0.04 3.11 -19.10
N TYR B 81 -1.04 2.43 -19.47
CA TYR B 81 -0.94 1.18 -20.20
C TYR B 81 -1.23 1.45 -21.68
N LEU B 82 -0.30 1.10 -22.56
CA LEU B 82 -0.52 1.23 -23.99
C LEU B 82 -0.73 -0.15 -24.59
N PRO B 83 -1.93 -0.40 -25.10
CA PRO B 83 -2.18 -1.71 -25.69
C PRO B 83 -1.47 -1.86 -27.04
N ARG B 84 -1.29 -3.11 -27.44
CA ARG B 84 -0.80 -3.50 -28.75
C ARG B 84 -1.54 -2.73 -29.83
N GLN B 85 -0.77 -2.19 -30.77
CA GLN B 85 -1.33 -1.27 -31.77
C GLN B 85 -1.90 -1.96 -33.00
N ASN B 86 -1.34 -3.11 -33.36
CA ASN B 86 -1.70 -3.77 -34.60
C ASN B 86 -2.69 -4.92 -34.43
N SER B 87 -3.04 -5.22 -33.18
CA SER B 87 -3.85 -6.38 -32.87
C SER B 87 -4.43 -6.25 -31.47
N ARG B 88 -5.61 -6.83 -31.25
CA ARG B 88 -6.26 -6.81 -29.95
C ARG B 88 -5.74 -7.93 -29.06
N ASN B 89 -4.92 -8.80 -29.63
CA ASN B 89 -4.47 -9.97 -28.89
C ASN B 89 -3.62 -9.63 -27.66
N GLY B 90 -4.21 -9.90 -26.50
CA GLY B 90 -3.58 -9.65 -25.23
C GLY B 90 -3.95 -8.33 -24.57
N HIS B 91 -4.89 -7.58 -25.17
CA HIS B 91 -5.37 -6.34 -24.55
C HIS B 91 -5.85 -6.59 -23.13
N VAL B 92 -5.28 -5.87 -22.16
CA VAL B 92 -5.60 -6.10 -20.76
C VAL B 92 -6.85 -5.32 -20.36
N THR B 93 -7.83 -6.01 -19.77
CA THR B 93 -9.08 -5.34 -19.38
C THR B 93 -9.29 -5.28 -17.88
N GLU B 94 -8.60 -6.13 -17.13
CA GLU B 94 -8.62 -6.08 -15.67
C GLU B 94 -7.20 -6.32 -15.18
N TYR B 95 -6.76 -5.51 -14.24
CA TYR B 95 -5.36 -5.50 -13.82
C TYR B 95 -5.22 -5.36 -12.29
N LYS B 96 -4.04 -5.67 -11.81
CA LYS B 96 -3.64 -5.39 -10.43
C LYS B 96 -2.27 -4.71 -10.47
N ILE B 97 -2.08 -3.78 -9.54
N ILE B 97 -2.07 -3.78 -9.55
CA ILE B 97 -0.82 -3.09 -9.36
CA ILE B 97 -0.77 -3.13 -9.40
C ILE B 97 -0.26 -3.39 -7.97
C ILE B 97 -0.26 -3.35 -7.99
N GLU B 98 1.00 -3.81 -7.90
CA GLU B 98 1.69 -3.94 -6.62
C GLU B 98 3.01 -3.20 -6.73
N THR B 99 3.52 -2.67 -5.61
CA THR B 99 4.84 -2.05 -5.65
C THR B 99 5.69 -2.56 -4.51
N SER B 100 6.99 -2.41 -4.65
CA SER B 100 7.90 -2.75 -3.55
C SER B 100 9.19 -1.95 -3.63
N LEU B 101 9.92 -1.95 -2.53
CA LEU B 101 11.24 -1.36 -2.50
C LEU B 101 12.34 -2.38 -2.77
N ASP B 102 11.99 -3.67 -2.74
CA ASP B 102 13.01 -4.73 -2.74
C ASP B 102 12.72 -5.95 -3.61
N ASN B 103 11.64 -5.91 -4.40
CA ASN B 103 11.24 -7.02 -5.25
C ASN B 103 10.89 -8.28 -4.45
N GLU B 104 10.56 -8.11 -3.17
CA GLU B 104 10.24 -9.25 -2.30
C GLU B 104 9.01 -9.00 -1.45
N ASN B 105 8.90 -7.79 -0.93
CA ASN B 105 7.82 -7.43 -0.03
C ASN B 105 6.90 -6.37 -0.62
N TRP B 106 5.78 -6.84 -1.14
CA TRP B 106 4.89 -6.04 -1.96
C TRP B 106 3.74 -5.41 -1.20
N THR B 107 3.37 -4.22 -1.64
CA THR B 107 2.18 -3.55 -1.21
C THR B 107 1.20 -3.61 -2.36
N GLU B 108 -0.02 -4.09 -2.09
CA GLU B 108 -1.06 -4.06 -3.10
C GLU B 108 -1.57 -2.63 -3.19
N VAL B 109 -1.40 -2.05 -4.37
CA VAL B 109 -1.75 -0.65 -4.58
C VAL B 109 -3.21 -0.49 -5.00
N ARG B 110 -3.60 -1.20 -6.06
CA ARG B 110 -4.98 -1.13 -6.53
C ARG B 110 -5.27 -2.22 -7.55
N THR B 111 -6.55 -2.44 -7.79
CA THR B 111 -6.96 -3.19 -8.97
C THR B 111 -7.82 -2.25 -9.80
N GLY B 112 -8.20 -2.68 -11.00
CA GLY B 112 -9.09 -1.89 -11.81
C GLY B 112 -9.40 -2.53 -13.14
N ASN B 113 -10.20 -1.83 -13.94
CA ASN B 113 -10.59 -2.31 -15.25
C ASN B 113 -10.37 -1.23 -16.30
N LEU B 114 -10.22 -1.65 -17.54
CA LEU B 114 -10.09 -0.74 -18.66
C LEU B 114 -11.27 -0.99 -19.60
N GLU B 115 -11.81 0.09 -20.14
CA GLU B 115 -13.03 0.01 -20.96
C GLU B 115 -12.80 -0.71 -22.28
N VAL B 116 -13.77 -1.56 -22.64
CA VAL B 116 -13.72 -2.32 -23.87
C VAL B 116 -14.61 -1.66 -24.93
N ASN B 117 -14.25 -1.80 -26.20
CA ASN B 117 -15.09 -1.27 -27.27
C ASN B 117 -16.44 -1.98 -27.37
N GLU B 118 -17.30 -1.47 -28.26
CA GLU B 118 -18.65 -1.98 -28.37
C GLU B 118 -18.67 -3.46 -28.77
N ALA B 119 -17.87 -3.80 -29.78
CA ALA B 119 -17.83 -5.17 -30.28
C ALA B 119 -17.25 -6.15 -29.26
N GLY B 120 -16.57 -5.62 -28.24
CA GLY B 120 -15.99 -6.47 -27.22
C GLY B 120 -14.70 -7.11 -27.69
N ASN B 121 -14.09 -6.56 -28.73
CA ASN B 121 -12.89 -7.17 -29.28
C ASN B 121 -11.58 -6.42 -29.04
N ALA B 122 -11.65 -5.17 -28.61
CA ALA B 122 -10.43 -4.40 -28.32
C ALA B 122 -10.72 -3.38 -27.24
N LEU B 123 -9.68 -2.78 -26.65
CA LEU B 123 -9.92 -1.70 -25.72
C LEU B 123 -10.58 -0.52 -26.42
N ALA B 124 -11.43 0.19 -25.71
CA ALA B 124 -12.11 1.37 -26.24
C ALA B 124 -11.08 2.46 -26.57
N ASN B 125 -10.13 2.65 -25.67
CA ASN B 125 -9.03 3.58 -25.88
C ASN B 125 -7.84 2.80 -26.40
N ARG B 126 -7.53 2.97 -27.69
CA ARG B 126 -6.44 2.24 -28.33
C ARG B 126 -5.10 2.92 -28.07
N GLY B 127 -5.15 4.08 -27.40
CA GLY B 127 -3.95 4.79 -27.01
C GLY B 127 -3.59 4.58 -25.55
N TYR B 128 -2.94 5.57 -24.95
CA TYR B 128 -2.48 5.44 -23.56
C TYR B 128 -3.66 5.46 -22.60
N ASN B 129 -3.78 4.39 -21.81
CA ASN B 129 -4.86 4.27 -20.82
C ASN B 129 -4.28 4.60 -19.45
N PRO B 130 -4.63 5.78 -18.90
CA PRO B 130 -4.05 6.16 -17.61
C PRO B 130 -4.66 5.41 -16.43
N ILE B 131 -3.80 5.07 -15.47
CA ILE B 131 -4.17 4.40 -14.23
C ILE B 131 -3.54 5.19 -13.08
N ARG B 132 -4.37 5.87 -12.28
CA ARG B 132 -3.84 6.65 -11.17
C ARG B 132 -3.90 5.87 -9.86
N PHE B 133 -3.05 6.24 -8.93
CA PHE B 133 -3.09 5.64 -7.60
C PHE B 133 -2.45 6.56 -6.57
N ASN B 134 -2.79 6.38 -5.31
CA ASN B 134 -2.24 7.21 -4.25
C ASN B 134 -0.73 7.08 -4.20
N THR B 135 -0.06 8.21 -4.09
CA THR B 135 1.39 8.26 -4.21
C THR B 135 2.09 7.26 -3.31
N ILE B 136 2.93 6.43 -3.91
CA ILE B 136 3.66 5.41 -3.17
C ILE B 136 5.10 5.34 -3.68
N ASN B 137 6.03 5.33 -2.74
CA ASN B 137 7.45 5.27 -3.06
C ASN B 137 7.81 3.83 -3.44
N ALA B 138 8.43 3.65 -4.60
CA ALA B 138 8.65 2.31 -5.13
C ALA B 138 9.84 2.27 -6.06
N GLN B 139 10.56 1.16 -6.03
CA GLN B 139 11.58 0.90 -7.06
C GLN B 139 11.17 -0.27 -7.97
N TYR B 140 10.11 -0.98 -7.59
CA TYR B 140 9.60 -2.07 -8.41
C TYR B 140 8.10 -1.97 -8.49
N LEU B 141 7.56 -2.23 -9.68
CA LEU B 141 6.11 -2.30 -9.85
C LEU B 141 5.78 -3.59 -10.59
N ARG B 142 4.88 -4.37 -10.00
CA ARG B 142 4.39 -5.58 -10.65
C ARG B 142 2.98 -5.33 -11.17
N PHE B 143 2.85 -5.48 -12.49
CA PHE B 143 1.59 -5.27 -13.20
C PHE B 143 1.04 -6.63 -13.60
N THR B 144 -0.15 -6.96 -13.09
CA THR B 144 -0.76 -8.27 -13.30
C THR B 144 -1.98 -8.14 -14.18
N ALA B 145 -2.05 -8.98 -15.22
CA ALA B 145 -3.21 -9.04 -16.09
C ALA B 145 -4.15 -10.11 -15.56
N LEU B 146 -5.38 -9.71 -15.23
CA LEU B 146 -6.39 -10.60 -14.62
C LEU B 146 -7.42 -11.03 -15.65
N LYS B 147 -7.71 -10.16 -16.60
CA LYS B 147 -8.62 -10.46 -17.70
C LYS B 147 -8.05 -9.79 -18.94
N THR B 148 -8.18 -10.45 -20.09
CA THR B 148 -7.62 -9.94 -21.34
C THR B 148 -8.51 -10.29 -22.52
N LEU B 149 -8.26 -9.64 -23.65
CA LEU B 149 -8.95 -9.94 -24.90
C LEU B 149 -8.02 -10.67 -25.86
N GLY B 150 -8.60 -11.37 -26.83
CA GLY B 150 -7.78 -12.04 -27.83
C GLY B 150 -8.64 -12.98 -28.64
N ASP B 151 -8.03 -13.61 -29.65
CA ASP B 151 -8.71 -14.65 -30.42
C ASP B 151 -9.29 -15.68 -29.47
N THR B 152 -8.57 -15.94 -28.39
CA THR B 152 -9.15 -16.54 -27.20
C THR B 152 -9.02 -15.50 -26.09
N ASN B 153 -10.14 -15.18 -25.44
CA ASN B 153 -10.12 -14.23 -24.33
C ASN B 153 -9.56 -14.85 -23.06
N ASN B 154 -9.04 -14.00 -22.18
CA ASN B 154 -8.61 -14.40 -20.84
C ASN B 154 -7.58 -15.51 -20.78
N LYS B 155 -6.61 -15.47 -21.69
CA LYS B 155 -5.60 -16.50 -21.78
C LYS B 155 -4.18 -15.93 -21.78
N TYR B 156 -3.98 -14.83 -22.50
CA TYR B 156 -2.66 -14.21 -22.63
C TYR B 156 -2.77 -12.70 -22.58
N ALA B 157 -1.66 -12.05 -22.21
CA ALA B 157 -1.62 -10.60 -22.08
C ALA B 157 -0.53 -10.03 -22.96
N SER B 158 -0.72 -8.78 -23.37
CA SER B 158 0.35 -8.07 -24.06
C SER B 158 0.37 -6.62 -23.60
N ALA B 159 1.48 -5.95 -23.88
CA ALA B 159 1.60 -4.53 -23.56
C ALA B 159 2.64 -3.96 -24.48
N ALA B 160 2.28 -2.85 -25.15
CA ALA B 160 3.25 -2.14 -25.98
C ALA B 160 4.12 -1.21 -25.13
N GLU B 161 3.50 -0.52 -24.19
CA GLU B 161 4.25 0.31 -23.23
C GLU B 161 3.57 0.35 -21.88
N LEU B 162 4.42 0.50 -20.87
CA LEU B 162 4.00 0.99 -19.55
C LEU B 162 4.79 2.27 -19.31
N VAL B 163 4.07 3.36 -19.07
CA VAL B 163 4.68 4.67 -18.85
C VAL B 163 4.51 5.00 -17.38
N PHE B 164 5.56 5.50 -16.75
CA PHE B 164 5.56 5.75 -15.31
C PHE B 164 5.63 7.23 -14.99
N TYR B 165 4.90 7.64 -13.97
CA TYR B 165 4.92 9.01 -13.49
C TYR B 165 5.26 9.11 -12.02
N GLY B 166 6.27 9.91 -11.72
CA GLY B 166 6.67 10.11 -10.35
C GLY B 166 7.89 10.98 -10.23
N LYS B 167 8.38 11.13 -9.01
CA LYS B 167 9.58 11.94 -8.82
C LYS B 167 10.49 11.34 -7.77
CA CA C . 2.92 7.55 26.41
C1 GAL D . -12.37 6.15 33.44
C2 GAL D . -10.93 6.34 32.94
C3 GAL D . -10.88 7.26 31.73
C4 GAL D . -11.79 6.69 30.64
C5 GAL D . -13.20 6.54 31.19
C6 GAL D . -14.17 5.86 30.21
O1 GAL D . -12.44 5.21 34.48
O2 GAL D . -10.07 6.91 33.95
O3 GAL D . -9.56 7.33 31.22
O4 GAL D . -11.32 5.40 30.23
O5 GAL D . -13.20 5.68 32.36
O6 GAL D . -15.48 5.81 30.76
CA CA E . 7.31 -1.39 -26.61
C1 GAL F . -1.21 -14.38 -33.22
C2 GAL F . -0.37 -13.17 -32.75
C3 GAL F . 0.47 -13.54 -31.53
C4 GAL F . -0.44 -14.08 -30.42
C5 GAL F . -1.25 -15.25 -30.95
C6 GAL F . -2.30 -15.76 -29.97
O1 GAL F . -2.08 -14.01 -34.25
O2 GAL F . 0.53 -12.72 -33.77
O3 GAL F . 1.15 -12.40 -31.03
O4 GAL F . -1.35 -13.06 -30.01
O5 GAL F . -2.00 -14.87 -32.13
O6 GAL F . -2.93 -16.95 -30.44
#